data_2BAP
#
_entry.id   2BAP
#
_cell.length_a   138.450
_cell.length_b   138.450
_cell.length_c   210.890
_cell.angle_alpha   90.00
_cell.angle_beta   90.00
_cell.angle_gamma   120.00
#
_symmetry.space_group_name_H-M   'P 61 2 2'
#
loop_
_entity.id
_entity.type
_entity.pdbx_description
1 polymer 'Diaphanous protein homolog 1'
2 polymer 'Diaphanous protein homolog 1'
#
loop_
_entity_poly.entity_id
_entity_poly.type
_entity_poly.pdbx_seq_one_letter_code
_entity_poly.pdbx_strand_id
1 'polypeptide(L)'
;SAMMYIQELRSGLRDMHLLSCLESLRVSLNNNPVSWVQTFGAEGLASLLDILKRLHDEKEETSGNYDSRNQHEIIRCLKA
FMNNKFGIKTMLETEEGILLLVRAMDPAVPNMMIDAAKLLSALCILPQPEDMNERVLEAMTERAEMDEVERFQPLLDGLK
SGTSIALKVGCLQLINALITPAEELDFRVHIRSELMRLGLHQVLQELREIENEDMKVQLCVFDEQGDEDFFDLKGRLDDI
RMEMDDFGEVFQIILNTVKDSKAEPHFLSILQHLLLVRNDYEARPQYYKLIEECVSQIVLHKNGTDPDFKCRHLQID
;
B,A
2 'polypeptide(L)' MRRAKLAKEKAEKERLEKQQKREQLIDMNAEGDETGVMDSLLEALQSGAAFRRKRG D,C
#
# COMPACT_ATOMS: atom_id res chain seq x y z
N SER A 1 -3.38 22.30 9.08
CA SER A 1 -2.91 20.98 8.57
C SER A 1 -3.93 19.88 8.91
N ALA A 2 -3.71 19.25 10.07
CA ALA A 2 -4.51 18.12 10.55
C ALA A 2 -5.76 18.58 11.27
N MET A 3 -5.73 19.81 11.77
CA MET A 3 -6.83 20.40 12.50
C MET A 3 -8.18 20.24 11.79
N MET A 4 -8.15 20.15 10.45
CA MET A 4 -9.36 19.83 9.70
C MET A 4 -10.04 18.55 10.24
N TYR A 5 -9.25 17.52 10.51
CA TYR A 5 -9.74 16.21 10.97
C TYR A 5 -10.20 16.21 12.43
N ILE A 6 -9.48 16.93 13.28
CA ILE A 6 -9.89 17.13 14.68
C ILE A 6 -11.32 17.65 14.70
N GLN A 7 -11.53 18.78 14.00
CA GLN A 7 -12.84 19.42 13.88
C GLN A 7 -13.86 18.51 13.23
N GLU A 8 -13.37 17.62 12.38
CA GLU A 8 -14.24 16.77 11.56
C GLU A 8 -15.00 15.77 12.43
N LEU A 9 -14.27 15.01 13.22
CA LEU A 9 -14.83 13.92 14.02
C LEU A 9 -15.76 14.47 15.11
N ARG A 10 -15.34 15.59 15.71
CA ARG A 10 -16.14 16.34 16.68
C ARG A 10 -17.48 16.79 16.10
N SER A 11 -17.44 17.41 14.93
CA SER A 11 -18.65 17.96 14.29
C SER A 11 -19.60 16.89 13.77
N GLY A 12 -19.51 15.71 14.36
CA GLY A 12 -20.50 14.66 14.24
C GLY A 12 -20.84 14.25 12.84
N LEU A 13 -20.00 13.40 12.25
CA LEU A 13 -20.34 12.70 11.02
C LEU A 13 -21.56 11.81 11.25
N ARG A 14 -21.68 10.80 10.39
CA ARG A 14 -22.56 9.66 10.61
C ARG A 14 -22.11 8.56 9.67
N ASP A 15 -22.73 7.39 9.81
CA ASP A 15 -22.45 6.19 9.01
C ASP A 15 -22.18 6.47 7.52
N MET A 16 -21.18 5.78 6.96
CA MET A 16 -20.77 5.89 5.54
C MET A 16 -19.93 7.15 5.29
N HIS A 17 -20.55 8.32 5.39
CA HIS A 17 -19.86 9.59 5.20
C HIS A 17 -18.72 9.75 6.23
N LEU A 18 -18.82 8.98 7.33
CA LEU A 18 -17.74 8.81 8.33
C LEU A 18 -16.70 7.79 7.84
N LEU A 19 -17.19 6.63 7.41
CA LEU A 19 -16.36 5.60 6.80
C LEU A 19 -15.37 6.29 5.87
N SER A 20 -15.90 7.09 4.96
CA SER A 20 -15.10 7.89 4.04
C SER A 20 -14.06 8.76 4.74
N CYS A 21 -14.48 9.51 5.75
CA CYS A 21 -13.58 10.42 6.47
C CYS A 21 -12.40 9.71 7.11
N LEU A 22 -12.66 8.53 7.68
CA LEU A 22 -11.66 7.72 8.37
C LEU A 22 -10.70 7.06 7.38
N GLU A 23 -11.25 6.51 6.28
CA GLU A 23 -10.43 5.91 5.24
C GLU A 23 -9.44 6.90 4.66
N SER A 24 -9.81 8.19 4.69
CA SER A 24 -8.89 9.23 4.26
C SER A 24 -7.92 9.61 5.36
N LEU A 25 -8.34 9.38 6.61
CA LEU A 25 -7.59 9.84 7.79
C LEU A 25 -6.35 8.97 8.01
N ARG A 26 -6.53 7.66 7.94
CA ARG A 26 -5.41 6.72 8.09
C ARG A 26 -4.36 7.01 7.05
N VAL A 27 -4.81 7.03 5.78
CA VAL A 27 -3.97 7.30 4.61
C VAL A 27 -3.18 8.59 4.82
N SER A 28 -3.89 9.64 5.22
CA SER A 28 -3.26 10.91 5.55
C SER A 28 -2.22 10.67 6.66
N LEU A 29 -2.62 9.94 7.70
CA LEU A 29 -1.75 9.70 8.85
C LEU A 29 -0.50 8.90 8.49
N ASN A 30 -0.65 7.94 7.60
CA ASN A 30 0.45 7.07 7.19
C ASN A 30 1.57 7.75 6.39
N ASN A 31 1.17 8.56 5.41
CA ASN A 31 2.13 9.12 4.46
C ASN A 31 2.72 10.46 4.88
N ASN A 32 2.30 10.95 6.04
CA ASN A 32 2.81 12.20 6.59
C ASN A 32 4.13 12.00 7.33
N PRO A 33 4.73 13.11 7.84
CA PRO A 33 5.84 12.97 8.78
C PRO A 33 5.32 12.74 10.20
N VAL A 34 6.23 12.64 11.17
CA VAL A 34 5.86 12.44 12.58
C VAL A 34 5.20 13.69 13.19
N SER A 35 5.58 14.86 12.69
CA SER A 35 5.08 16.14 13.19
C SER A 35 3.59 16.35 12.92
N TRP A 36 3.13 15.87 11.77
CA TRP A 36 1.71 15.98 11.40
C TRP A 36 0.87 15.16 12.35
N VAL A 37 1.41 14.03 12.79
CA VAL A 37 0.75 13.16 13.77
C VAL A 37 0.64 13.92 15.08
N GLN A 38 1.70 14.65 15.43
CA GLN A 38 1.76 15.39 16.69
C GLN A 38 0.75 16.55 16.75
N THR A 39 0.42 17.14 15.60
CA THR A 39 -0.60 18.20 15.55
C THR A 39 -2.02 17.65 15.72
N PHE A 40 -2.19 16.36 15.38
CA PHE A 40 -3.42 15.64 15.65
C PHE A 40 -3.43 15.25 17.12
N GLY A 41 -2.23 15.06 17.66
CA GLY A 41 -1.99 14.85 19.09
C GLY A 41 -2.97 13.95 19.83
N ALA A 42 -3.22 14.30 21.09
CA ALA A 42 -4.13 13.55 21.93
C ALA A 42 -5.58 13.92 21.66
N GLU A 43 -5.81 15.16 21.25
CA GLU A 43 -7.16 15.69 21.02
C GLU A 43 -7.86 14.91 19.92
N GLY A 44 -7.15 14.67 18.83
CA GLY A 44 -7.67 13.88 17.73
C GLY A 44 -7.88 12.46 18.20
N LEU A 45 -6.83 11.88 18.76
CA LEU A 45 -6.89 10.56 19.37
C LEU A 45 -8.17 10.42 20.18
N ALA A 46 -8.36 11.34 21.13
CA ALA A 46 -9.55 11.37 21.96
C ALA A 46 -10.79 11.15 21.11
N SER A 47 -11.01 12.07 20.16
CA SER A 47 -12.24 12.09 19.35
C SER A 47 -12.48 10.81 18.57
N LEU A 48 -11.41 10.05 18.31
CA LEU A 48 -11.51 8.75 17.65
C LEU A 48 -12.06 7.72 18.60
N LEU A 49 -11.52 7.71 19.82
CA LEU A 49 -11.95 6.78 20.85
C LEU A 49 -13.38 7.12 21.27
N ASP A 50 -13.64 8.43 21.44
CA ASP A 50 -14.96 8.96 21.75
C ASP A 50 -16.03 8.40 20.80
N ILE A 51 -15.67 8.24 19.53
CA ILE A 51 -16.55 7.64 18.52
C ILE A 51 -16.66 6.14 18.78
N LEU A 52 -15.51 5.48 18.94
CA LEU A 52 -15.45 4.02 19.14
C LEU A 52 -16.25 3.63 20.38
N LYS A 53 -16.17 4.49 21.40
CA LYS A 53 -16.96 4.39 22.61
C LYS A 53 -18.44 4.36 22.23
N ARG A 54 -18.89 5.46 21.62
CA ARG A 54 -20.27 5.64 21.20
C ARG A 54 -20.74 4.51 20.30
N LEU A 55 -19.84 4.04 19.44
CA LEU A 55 -20.14 2.93 18.54
C LEU A 55 -20.52 1.69 19.34
N HIS A 56 -19.78 1.45 20.40
CA HIS A 56 -19.99 0.27 21.24
C HIS A 56 -21.32 0.34 21.99
N ASP A 57 -21.67 1.53 22.49
CA ASP A 57 -22.89 1.73 23.31
C ASP A 57 -24.20 1.34 22.62
N GLU A 58 -24.26 1.51 21.30
CA GLU A 58 -25.44 1.15 20.51
C GLU A 58 -25.39 -0.33 20.09
N LYS A 59 -24.18 -0.88 19.97
CA LYS A 59 -24.03 -2.25 19.51
C LYS A 59 -24.13 -3.23 20.67
N ASP A 67 -22.79 -2.08 11.12
CA ASP A 67 -21.83 -1.31 10.32
C ASP A 67 -20.48 -1.22 11.02
N SER A 68 -19.81 -2.38 11.07
CA SER A 68 -18.54 -2.54 11.76
C SER A 68 -17.35 -2.14 10.88
N ARG A 69 -17.64 -1.72 9.63
CA ARG A 69 -16.65 -1.14 8.74
C ARG A 69 -16.05 0.14 9.33
N ASN A 70 -16.91 0.89 10.02
CA ASN A 70 -16.53 2.16 10.65
C ASN A 70 -15.52 1.95 11.77
N GLN A 71 -15.88 1.11 12.74
CA GLN A 71 -15.00 0.89 13.88
C GLN A 71 -13.71 0.23 13.45
N HIS A 72 -13.79 -0.78 12.59
CA HIS A 72 -12.60 -1.46 12.08
C HIS A 72 -11.57 -0.45 11.61
N GLU A 73 -12.06 0.64 11.03
CA GLU A 73 -11.19 1.66 10.48
C GLU A 73 -10.46 2.45 11.55
N ILE A 74 -11.12 2.62 12.70
CA ILE A 74 -10.52 3.34 13.83
C ILE A 74 -9.31 2.57 14.37
N ILE A 75 -9.42 1.24 14.32
CA ILE A 75 -8.31 0.36 14.68
C ILE A 75 -7.13 0.64 13.76
N ARG A 76 -7.42 0.79 12.47
CA ARG A 76 -6.39 1.11 11.49
C ARG A 76 -5.73 2.48 11.73
N CYS A 77 -6.53 3.49 12.07
CA CYS A 77 -5.98 4.82 12.35
C CYS A 77 -5.14 4.80 13.61
N LEU A 78 -5.53 3.94 14.54
CA LEU A 78 -4.75 3.76 15.74
C LEU A 78 -3.44 3.07 15.39
N LYS A 79 -3.52 2.00 14.59
CA LYS A 79 -2.35 1.27 14.09
C LYS A 79 -1.32 2.24 13.54
N ALA A 80 -1.81 3.11 12.67
CA ALA A 80 -1.02 4.19 12.09
C ALA A 80 -0.54 5.17 13.16
N PHE A 81 -1.44 5.62 14.02
CA PHE A 81 -1.14 6.67 15.00
C PHE A 81 0.03 6.30 15.90
N MET A 82 0.04 5.05 16.36
CA MET A 82 1.04 4.56 17.30
C MET A 82 2.37 4.21 16.62
N ASN A 83 2.43 4.29 15.30
CA ASN A 83 3.64 3.89 14.59
C ASN A 83 4.81 4.86 14.81
N ASN A 84 4.91 5.40 16.02
CA ASN A 84 5.97 6.33 16.41
C ASN A 84 6.04 6.48 17.94
N LYS A 85 7.16 7.00 18.44
CA LYS A 85 7.34 7.16 19.89
C LYS A 85 6.22 7.98 20.50
N PHE A 86 5.97 9.16 19.93
CA PHE A 86 4.90 10.05 20.39
C PHE A 86 3.54 9.36 20.38
N GLY A 87 3.29 8.56 19.35
CA GLY A 87 1.99 7.94 19.15
C GLY A 87 1.65 6.87 20.17
N ILE A 88 2.61 5.98 20.44
CA ILE A 88 2.45 4.90 21.41
C ILE A 88 2.12 5.47 22.78
N LYS A 89 3.09 6.24 23.32
CA LYS A 89 2.97 6.84 24.65
C LYS A 89 1.71 7.69 24.87
N THR A 90 1.12 8.20 23.78
CA THR A 90 -0.09 9.01 23.86
C THR A 90 -1.35 8.14 23.88
N MET A 91 -1.22 6.89 23.41
CA MET A 91 -2.29 5.91 23.57
C MET A 91 -2.21 5.37 24.98
N LEU A 92 -1.01 5.40 25.56
CA LEU A 92 -0.76 4.92 26.91
C LEU A 92 -1.07 5.95 27.98
N GLU A 93 -1.55 7.12 27.56
CA GLU A 93 -1.94 8.15 28.50
C GLU A 93 -3.46 8.21 28.64
N THR A 94 -4.16 7.71 27.62
CA THR A 94 -5.63 7.75 27.63
C THR A 94 -6.20 6.70 28.56
N GLU A 95 -7.29 7.09 29.21
CA GLU A 95 -8.00 6.22 30.11
C GLU A 95 -8.48 4.95 29.43
N GLU A 96 -9.37 5.13 28.45
CA GLU A 96 -10.04 4.01 27.80
C GLU A 96 -9.25 3.45 26.60
N GLY A 97 -7.98 3.84 26.49
CA GLY A 97 -7.13 3.44 25.39
C GLY A 97 -7.13 1.93 25.21
N ILE A 98 -6.32 1.26 26.00
CA ILE A 98 -6.08 -0.17 25.88
C ILE A 98 -7.38 -0.96 25.97
N LEU A 99 -8.32 -0.50 26.78
CA LEU A 99 -9.59 -1.20 26.96
C LEU A 99 -10.32 -1.36 25.63
N LEU A 100 -10.37 -0.27 24.87
CA LEU A 100 -11.07 -0.27 23.59
C LEU A 100 -10.42 -1.17 22.55
N LEU A 101 -9.09 -1.27 22.58
CA LEU A 101 -8.38 -2.25 21.78
C LEU A 101 -8.84 -3.66 22.14
N VAL A 102 -8.96 -3.93 23.43
CA VAL A 102 -9.41 -5.25 23.89
C VAL A 102 -10.78 -5.61 23.31
N ARG A 103 -11.77 -4.74 23.56
CA ARG A 103 -13.14 -5.02 23.14
C ARG A 103 -13.36 -4.96 21.63
N ALA A 104 -12.29 -4.69 20.89
CA ALA A 104 -12.28 -4.79 19.43
C ALA A 104 -12.08 -6.26 19.02
N MET A 105 -11.31 -7.00 19.83
CA MET A 105 -11.03 -8.41 19.59
C MET A 105 -12.35 -9.19 19.50
N ASP A 106 -12.72 -9.52 18.26
CA ASP A 106 -14.00 -10.17 17.97
C ASP A 106 -13.81 -11.21 16.86
N PRO A 107 -14.08 -12.49 17.16
CA PRO A 107 -14.05 -13.61 16.20
C PRO A 107 -15.00 -13.41 15.00
N ALA A 108 -16.13 -12.77 15.25
CA ALA A 108 -17.14 -12.50 14.22
C ALA A 108 -16.69 -11.42 13.20
N VAL A 109 -15.65 -10.65 13.54
CA VAL A 109 -15.06 -9.65 12.62
C VAL A 109 -13.53 -9.82 12.53
N PRO A 110 -13.07 -10.95 11.92
CA PRO A 110 -11.67 -11.40 11.95
C PRO A 110 -10.63 -10.30 11.78
N ASN A 111 -10.54 -9.75 10.58
CA ASN A 111 -9.56 -8.71 10.24
C ASN A 111 -9.44 -7.56 11.27
N MET A 112 -10.51 -7.33 12.05
CA MET A 112 -10.48 -6.34 13.12
C MET A 112 -9.70 -6.90 14.30
N MET A 113 -10.14 -8.05 14.79
CA MET A 113 -9.44 -8.75 15.87
C MET A 113 -7.97 -8.92 15.53
N ILE A 114 -7.66 -9.37 14.30
CA ILE A 114 -6.27 -9.59 13.87
C ILE A 114 -5.47 -8.30 13.99
N ASP A 115 -6.13 -7.19 13.68
CA ASP A 115 -5.51 -5.89 13.82
C ASP A 115 -5.47 -5.45 15.27
N ALA A 116 -6.51 -5.82 16.02
CA ALA A 116 -6.61 -5.45 17.43
C ALA A 116 -5.51 -6.13 18.26
N ALA A 117 -5.38 -7.44 18.08
CA ALA A 117 -4.36 -8.27 18.73
C ALA A 117 -2.94 -7.73 18.49
N LYS A 118 -2.56 -7.62 17.22
CA LYS A 118 -1.23 -7.16 16.83
C LYS A 118 -0.81 -5.88 17.55
N LEU A 119 -1.79 -5.00 17.76
CA LEU A 119 -1.56 -3.74 18.44
C LEU A 119 -1.36 -3.94 19.93
N LEU A 120 -2.18 -4.83 20.51
CA LEU A 120 -2.09 -5.18 21.92
C LEU A 120 -0.78 -5.91 22.26
N SER A 121 -0.49 -6.98 21.52
CA SER A 121 0.75 -7.73 21.68
C SER A 121 2.00 -6.89 21.47
N ALA A 122 1.91 -5.93 20.56
CA ALA A 122 3.01 -4.99 20.30
C ALA A 122 3.40 -4.23 21.55
N LEU A 123 2.40 -3.83 22.34
CA LEU A 123 2.60 -3.07 23.58
C LEU A 123 3.29 -3.88 24.68
N CYS A 124 2.93 -5.16 24.77
CA CYS A 124 3.46 -6.07 25.78
C CYS A 124 4.99 -6.15 25.78
N ILE A 125 5.59 -6.12 24.59
CA ILE A 125 7.04 -6.19 24.40
C ILE A 125 7.76 -4.93 24.88
N LEU A 126 7.08 -3.78 24.78
CA LEU A 126 7.66 -2.47 25.11
C LEU A 126 8.54 -2.47 26.37
N PRO A 127 9.81 -2.07 26.20
CA PRO A 127 10.84 -2.09 27.26
C PRO A 127 10.89 -0.83 28.15
N GLN A 128 9.78 -0.10 28.21
CA GLN A 128 9.78 1.19 28.89
C GLN A 128 8.59 1.42 29.83
N PRO A 129 7.36 1.40 29.31
CA PRO A 129 6.24 1.54 30.22
C PRO A 129 6.04 0.20 30.92
N GLU A 130 6.69 0.06 32.07
CA GLU A 130 6.91 -1.22 32.74
C GLU A 130 5.64 -2.03 33.01
N ASP A 131 5.72 -3.32 32.68
CA ASP A 131 4.65 -4.29 32.94
C ASP A 131 3.39 -3.97 32.13
N MET A 132 3.57 -3.69 30.84
CA MET A 132 2.46 -3.36 29.97
C MET A 132 1.50 -4.52 29.75
N ASN A 133 2.05 -5.74 29.72
CA ASN A 133 1.24 -6.93 29.51
C ASN A 133 0.24 -7.12 30.63
N GLU A 134 0.62 -6.67 31.83
CA GLU A 134 -0.26 -6.72 33.00
C GLU A 134 -1.42 -5.75 32.85
N ARG A 135 -1.09 -4.54 32.37
CA ARG A 135 -2.08 -3.51 32.05
C ARG A 135 -3.02 -4.00 30.94
N VAL A 136 -2.49 -4.83 30.05
CA VAL A 136 -3.31 -5.49 29.04
C VAL A 136 -4.21 -6.51 29.70
N LEU A 137 -3.60 -7.44 30.44
CA LEU A 137 -4.32 -8.52 31.09
C LEU A 137 -5.51 -7.95 31.85
N GLU A 138 -5.20 -7.05 32.78
CA GLU A 138 -6.19 -6.39 33.63
C GLU A 138 -7.31 -5.74 32.81
N ALA A 139 -6.94 -5.14 31.68
CA ALA A 139 -7.92 -4.54 30.78
C ALA A 139 -8.69 -5.60 29.97
N MET A 140 -8.12 -6.79 29.81
CA MET A 140 -8.86 -7.92 29.24
C MET A 140 -9.92 -8.33 30.24
N THR A 141 -9.63 -8.07 31.52
CA THR A 141 -10.53 -8.41 32.62
C THR A 141 -11.74 -7.48 32.63
N GLU A 142 -11.52 -6.17 32.54
CA GLU A 142 -12.60 -5.19 32.60
C GLU A 142 -13.76 -5.55 31.67
N ARG A 143 -13.43 -5.89 30.43
CA ARG A 143 -14.39 -6.26 29.40
C ARG A 143 -15.01 -7.64 29.63
N ALA A 144 -14.31 -8.50 30.37
CA ALA A 144 -14.78 -9.85 30.69
C ALA A 144 -16.05 -9.82 31.54
N GLU A 145 -16.17 -8.77 32.33
CA GLU A 145 -17.35 -8.53 33.16
C GLU A 145 -18.42 -7.80 32.35
N MET A 146 -18.04 -6.65 31.79
CA MET A 146 -18.89 -5.87 30.86
C MET A 146 -19.92 -6.75 30.15
N ASP A 147 -19.43 -7.69 29.35
CA ASP A 147 -20.23 -8.81 28.90
C ASP A 147 -19.66 -10.05 29.60
N GLU A 148 -20.46 -10.59 30.53
CA GLU A 148 -20.02 -11.58 31.52
C GLU A 148 -19.54 -12.91 30.95
N VAL A 149 -18.34 -12.93 30.39
CA VAL A 149 -17.71 -14.18 29.92
C VAL A 149 -16.21 -14.18 30.24
N GLU A 150 -15.61 -15.37 30.20
CA GLU A 150 -14.21 -15.59 30.56
C GLU A 150 -13.28 -14.65 29.80
N ARG A 151 -12.32 -14.04 30.50
CA ARG A 151 -11.46 -12.99 29.92
C ARG A 151 -10.69 -13.41 28.69
N PHE A 152 -10.53 -14.72 28.51
CA PHE A 152 -9.77 -15.25 27.38
C PHE A 152 -10.64 -15.87 26.28
N GLN A 153 -11.96 -15.89 26.49
CA GLN A 153 -12.92 -16.45 25.53
C GLN A 153 -12.78 -16.01 24.06
N PRO A 154 -12.62 -14.69 23.80
CA PRO A 154 -12.29 -14.28 22.43
C PRO A 154 -11.17 -15.10 21.81
N LEU A 155 -9.98 -15.10 22.42
CA LEU A 155 -8.83 -15.83 21.90
C LEU A 155 -9.11 -17.30 21.56
N LEU A 156 -10.05 -17.90 22.28
CA LEU A 156 -10.36 -19.33 22.13
C LEU A 156 -11.40 -19.64 21.06
N ASP A 157 -12.10 -18.62 20.58
CA ASP A 157 -12.96 -18.76 19.41
C ASP A 157 -12.10 -18.60 18.14
N GLY A 158 -11.24 -17.59 18.14
CA GLY A 158 -10.36 -17.29 17.02
C GLY A 158 -9.25 -18.30 16.78
N LEU A 159 -9.41 -19.48 17.37
CA LEU A 159 -8.51 -20.60 17.14
C LEU A 159 -9.32 -21.85 16.83
N LYS A 160 -10.62 -21.68 16.62
CA LYS A 160 -11.53 -22.79 16.44
C LYS A 160 -11.39 -23.47 15.07
N SER A 161 -12.32 -24.39 14.80
CA SER A 161 -12.42 -25.08 13.52
C SER A 161 -12.64 -24.08 12.38
N GLY A 162 -11.86 -24.26 11.30
CA GLY A 162 -11.97 -23.44 10.09
C GLY A 162 -12.11 -21.95 10.31
N THR A 163 -11.14 -21.35 10.99
CA THR A 163 -11.09 -19.89 11.06
C THR A 163 -9.91 -19.38 10.24
N SER A 164 -9.91 -18.06 10.00
CA SER A 164 -8.83 -17.39 9.32
C SER A 164 -7.48 -17.89 9.84
N ILE A 165 -6.73 -18.57 8.97
CA ILE A 165 -5.42 -19.07 9.33
C ILE A 165 -4.56 -17.91 9.81
N ALA A 166 -4.78 -16.74 9.23
CA ALA A 166 -4.07 -15.53 9.60
C ALA A 166 -4.50 -14.96 10.96
N LEU A 167 -5.61 -15.46 11.50
CA LEU A 167 -6.12 -15.05 12.82
C LEU A 167 -5.48 -15.88 13.92
N LYS A 168 -5.34 -17.18 13.63
CA LYS A 168 -4.76 -18.16 14.55
C LYS A 168 -3.26 -17.93 14.78
N VAL A 169 -2.71 -16.89 14.17
CA VAL A 169 -1.33 -16.50 14.38
C VAL A 169 -1.32 -15.24 15.23
N GLY A 170 -2.41 -14.47 15.14
CA GLY A 170 -2.59 -13.25 15.92
C GLY A 170 -3.03 -13.58 17.32
N CYS A 171 -3.61 -14.77 17.49
CA CYS A 171 -4.01 -15.25 18.80
C CYS A 171 -2.82 -15.76 19.63
N LEU A 172 -2.17 -16.81 19.15
CA LEU A 172 -0.97 -17.33 19.81
C LEU A 172 0.10 -16.25 19.94
N GLN A 173 0.11 -15.30 19.01
CA GLN A 173 1.04 -14.18 19.07
C GLN A 173 0.81 -13.34 20.31
N LEU A 174 -0.46 -12.98 20.53
CA LEU A 174 -0.86 -12.21 21.71
C LEU A 174 -0.56 -12.99 22.99
N ILE A 175 -0.92 -14.27 22.99
CA ILE A 175 -0.63 -15.18 24.11
C ILE A 175 0.84 -15.14 24.47
N ASN A 176 1.70 -15.40 23.49
CA ASN A 176 3.14 -15.34 23.68
C ASN A 176 3.57 -14.03 24.30
N ALA A 177 2.91 -12.95 23.88
CA ALA A 177 3.25 -11.61 24.34
C ALA A 177 2.63 -11.28 25.69
N LEU A 178 1.59 -12.03 26.05
CA LEU A 178 1.02 -11.90 27.37
C LEU A 178 1.89 -12.60 28.41
N ILE A 179 2.63 -13.61 27.96
CA ILE A 179 3.49 -14.40 28.84
C ILE A 179 4.95 -13.93 28.86
N THR A 180 5.62 -13.96 27.71
CA THR A 180 7.08 -13.76 27.62
C THR A 180 7.65 -12.54 28.36
N PRO A 181 6.92 -11.40 28.36
CA PRO A 181 7.38 -10.28 29.17
C PRO A 181 7.38 -10.50 30.69
N ALA A 182 6.41 -11.25 31.23
CA ALA A 182 6.29 -11.43 32.68
C ALA A 182 7.33 -12.40 33.21
N GLU A 183 8.18 -11.91 34.11
CA GLU A 183 9.35 -12.67 34.55
C GLU A 183 9.09 -13.62 35.72
N GLU A 184 7.99 -13.42 36.45
CA GLU A 184 7.65 -14.25 37.59
C GLU A 184 7.01 -15.58 37.16
N LEU A 185 7.75 -16.67 37.34
CA LEU A 185 7.30 -18.01 36.94
C LEU A 185 5.84 -18.30 37.27
N ASP A 186 5.40 -17.83 38.44
CA ASP A 186 4.04 -18.07 38.91
C ASP A 186 2.98 -17.40 38.05
N PHE A 187 3.34 -16.24 37.51
CA PHE A 187 2.54 -15.47 36.58
C PHE A 187 2.26 -16.27 35.30
N ARG A 188 3.31 -16.83 34.72
CA ARG A 188 3.24 -17.58 33.47
C ARG A 188 2.42 -18.87 33.58
N VAL A 189 2.76 -19.70 34.57
CA VAL A 189 2.09 -20.99 34.76
C VAL A 189 0.62 -20.83 35.18
N HIS A 190 0.30 -19.68 35.77
CA HIS A 190 -1.07 -19.25 36.05
C HIS A 190 -1.86 -19.12 34.74
N ILE A 191 -1.49 -18.09 33.97
CA ILE A 191 -2.08 -17.76 32.68
C ILE A 191 -2.09 -18.95 31.70
N ARG A 192 -0.98 -19.67 31.62
CA ARG A 192 -0.90 -20.86 30.80
C ARG A 192 -2.03 -21.81 31.13
N SER A 193 -2.16 -22.12 32.41
CA SER A 193 -3.20 -23.00 32.90
C SER A 193 -4.56 -22.37 32.65
N GLU A 194 -4.67 -21.07 32.95
CA GLU A 194 -5.91 -20.33 32.76
C GLU A 194 -6.50 -20.61 31.39
N LEU A 195 -5.65 -20.60 30.37
CA LEU A 195 -6.08 -20.83 28.99
C LEU A 195 -6.55 -22.27 28.79
N MET A 196 -5.68 -23.21 29.19
CA MET A 196 -5.82 -24.62 28.84
C MET A 196 -7.08 -25.30 29.33
N ARG A 197 -7.88 -24.57 30.11
CA ARG A 197 -9.13 -25.08 30.65
C ARG A 197 -10.26 -24.92 29.67
N LEU A 198 -10.26 -23.80 28.97
CA LEU A 198 -11.21 -23.54 27.92
C LEU A 198 -10.83 -24.43 26.73
N GLY A 199 -9.58 -24.90 26.71
CA GLY A 199 -9.19 -25.98 25.82
C GLY A 199 -8.04 -25.66 24.89
N LEU A 200 -7.06 -24.93 25.41
CA LEU A 200 -5.93 -24.49 24.62
C LEU A 200 -5.09 -25.65 24.10
N HIS A 201 -4.90 -26.69 24.91
CA HIS A 201 -4.18 -27.89 24.46
C HIS A 201 -5.06 -28.73 23.56
N GLN A 202 -6.37 -28.65 23.79
CA GLN A 202 -7.33 -29.30 22.92
C GLN A 202 -7.21 -28.78 21.48
N VAL A 203 -7.04 -27.48 21.32
CA VAL A 203 -6.89 -26.90 19.99
C VAL A 203 -5.44 -26.76 19.56
N LEU A 204 -4.51 -26.79 20.52
CA LEU A 204 -3.07 -26.71 20.21
C LEU A 204 -2.58 -27.90 19.38
N GLN A 205 -3.42 -28.92 19.32
CA GLN A 205 -3.18 -30.08 18.47
C GLN A 205 -3.36 -29.75 16.98
N GLU A 206 -4.56 -29.30 16.61
CA GLU A 206 -4.91 -29.02 15.22
C GLU A 206 -4.03 -27.95 14.59
N LEU A 207 -3.72 -26.90 15.35
CA LEU A 207 -2.96 -25.76 14.83
C LEU A 207 -1.45 -25.95 14.99
N ARG A 208 -1.06 -27.17 15.34
CA ARG A 208 0.32 -27.59 15.17
C ARG A 208 0.47 -28.19 13.75
N GLU A 209 -0.60 -28.81 13.24
CA GLU A 209 -0.58 -29.43 11.91
C GLU A 209 -0.37 -28.45 10.76
N ILE A 210 -1.26 -27.46 10.65
CA ILE A 210 -1.19 -26.43 9.60
C ILE A 210 0.26 -25.98 9.41
N GLU A 211 0.76 -26.10 8.18
CA GLU A 211 2.17 -25.82 7.90
C GLU A 211 2.46 -24.41 7.41
N ASN A 212 1.76 -23.43 7.98
CA ASN A 212 2.10 -22.02 7.79
C ASN A 212 3.46 -21.71 8.40
N GLU A 213 4.12 -20.69 7.86
CA GLU A 213 5.50 -20.39 8.24
C GLU A 213 5.56 -19.53 9.51
N ASP A 214 4.59 -18.63 9.64
CA ASP A 214 4.49 -17.72 10.79
C ASP A 214 3.86 -18.39 11.99
N MET A 215 2.87 -19.25 11.74
CA MET A 215 2.25 -20.08 12.76
C MET A 215 3.28 -20.95 13.47
N LYS A 216 4.27 -21.41 12.73
CA LYS A 216 5.34 -22.23 13.30
C LYS A 216 6.21 -21.47 14.29
N VAL A 217 6.63 -20.26 13.93
CA VAL A 217 7.45 -19.45 14.82
C VAL A 217 6.70 -19.13 16.13
N GLN A 218 5.38 -18.99 16.05
CA GLN A 218 4.55 -18.79 17.25
C GLN A 218 4.60 -19.99 18.18
N LEU A 219 4.20 -21.16 17.66
CA LEU A 219 4.29 -22.43 18.38
C LEU A 219 5.69 -22.70 18.90
N CYS A 220 6.70 -22.33 18.14
CA CYS A 220 8.09 -22.52 18.55
C CYS A 220 8.46 -21.77 19.82
N VAL A 221 8.13 -20.47 19.86
CA VAL A 221 8.46 -19.64 21.01
C VAL A 221 7.58 -19.95 22.22
N PHE A 222 6.43 -20.56 21.96
CA PHE A 222 5.52 -20.98 23.01
C PHE A 222 6.05 -22.19 23.75
N ASP A 223 6.55 -23.17 22.99
CA ASP A 223 7.10 -24.41 23.54
C ASP A 223 8.46 -24.23 24.20
N GLU A 224 9.25 -23.26 23.72
CA GLU A 224 10.51 -22.89 24.36
C GLU A 224 10.25 -22.44 25.79
N GLN A 225 9.10 -21.78 25.99
CA GLN A 225 8.72 -21.20 27.29
C GLN A 225 7.79 -22.10 28.07
N GLY A 226 7.01 -22.92 27.36
CA GLY A 226 6.20 -23.95 27.98
C GLY A 226 7.11 -24.89 28.76
N ASP A 227 8.22 -25.26 28.12
CA ASP A 227 9.18 -26.21 28.66
C ASP A 227 10.07 -25.62 29.75
N GLU A 228 10.65 -24.45 29.47
CA GLU A 228 11.55 -23.80 30.41
C GLU A 228 10.87 -23.47 31.75
N ASP A 229 9.55 -23.32 31.72
CA ASP A 229 8.77 -23.26 32.95
C ASP A 229 8.72 -24.63 33.59
N PHE A 230 8.36 -25.65 32.81
CA PHE A 230 8.29 -27.03 33.32
C PHE A 230 9.55 -27.48 34.06
N PHE A 231 10.72 -27.25 33.44
CA PHE A 231 11.97 -27.57 34.10
C PHE A 231 12.00 -26.85 35.44
N ASP A 232 11.76 -25.54 35.39
CA ASP A 232 11.81 -24.68 36.58
C ASP A 232 10.81 -25.08 37.65
N LEU A 233 9.62 -25.51 37.24
CA LEU A 233 8.56 -25.79 38.18
C LEU A 233 8.69 -27.17 38.80
N LYS A 234 9.17 -28.14 38.01
CA LYS A 234 9.42 -29.48 38.55
C LYS A 234 10.63 -29.46 39.46
N GLY A 235 11.61 -28.62 39.15
CA GLY A 235 12.75 -28.39 40.02
C GLY A 235 12.33 -27.91 41.39
N ARG A 236 11.22 -27.19 41.43
CA ARG A 236 10.67 -26.66 42.68
C ARG A 236 9.95 -27.77 43.43
N LEU A 237 9.25 -28.61 42.67
CA LEU A 237 8.55 -29.77 43.23
C LEU A 237 9.52 -30.81 43.79
N ASP A 238 10.68 -30.92 43.16
CA ASP A 238 11.69 -31.88 43.56
C ASP A 238 12.20 -31.67 44.98
N ASP A 239 12.39 -30.41 45.38
CA ASP A 239 12.78 -30.13 46.76
C ASP A 239 11.58 -30.31 47.68
N ILE A 240 10.45 -29.72 47.29
CA ILE A 240 9.16 -29.87 47.98
C ILE A 240 8.81 -31.35 48.18
N ARG A 241 9.62 -32.24 47.61
CA ARG A 241 9.47 -33.67 47.84
C ARG A 241 10.38 -34.22 48.93
N MET A 242 11.62 -33.74 49.00
CA MET A 242 12.49 -34.06 50.14
C MET A 242 12.08 -33.26 51.39
N GLU A 243 11.65 -32.02 51.19
CA GLU A 243 11.33 -31.09 52.28
C GLU A 243 9.96 -31.30 52.92
N MET A 244 8.93 -31.55 52.12
CA MET A 244 7.56 -31.64 52.61
C MET A 244 6.99 -33.03 52.37
N ASP A 245 7.32 -33.98 53.24
CA ASP A 245 7.01 -35.39 53.01
C ASP A 245 6.21 -36.05 54.11
N ASP A 246 5.42 -35.27 54.83
CA ASP A 246 4.99 -35.73 56.14
C ASP A 246 3.53 -35.67 56.52
N PHE A 247 2.79 -34.69 56.00
CA PHE A 247 1.52 -34.23 56.59
C PHE A 247 1.84 -33.25 57.70
N GLY A 248 2.82 -33.54 58.53
CA GLY A 248 3.31 -32.56 59.47
C GLY A 248 3.85 -31.46 58.60
N GLU A 249 4.71 -31.87 57.66
CA GLU A 249 5.32 -30.93 56.73
C GLU A 249 4.27 -30.13 55.94
N VAL A 250 3.30 -30.85 55.42
CA VAL A 250 2.21 -30.25 54.68
C VAL A 250 1.43 -29.29 55.57
N PHE A 251 0.83 -29.84 56.63
CA PHE A 251 -0.04 -29.09 57.53
C PHE A 251 0.59 -27.78 57.93
N GLN A 252 1.86 -27.82 58.35
CA GLN A 252 2.51 -26.61 58.80
C GLN A 252 2.64 -25.54 57.68
N ILE A 253 2.72 -25.99 56.44
CA ILE A 253 2.75 -25.06 55.29
C ILE A 253 1.33 -24.65 54.91
N ILE A 254 0.40 -25.61 54.89
CA ILE A 254 -1.01 -25.28 54.80
C ILE A 254 -1.38 -24.17 55.82
N LEU A 255 -1.12 -24.41 57.11
CA LEU A 255 -1.43 -23.43 58.17
C LEU A 255 -0.65 -22.11 58.05
N ASN A 256 0.64 -22.19 57.80
CA ASN A 256 1.47 -20.99 57.79
C ASN A 256 1.21 -20.01 56.64
N THR A 257 0.85 -20.54 55.47
CA THR A 257 0.80 -19.75 54.23
C THR A 257 -0.57 -19.71 53.55
N VAL A 258 -1.41 -20.71 53.84
CA VAL A 258 -2.77 -20.78 53.32
C VAL A 258 -3.85 -20.37 54.33
N LYS A 259 -3.56 -20.53 55.63
CA LYS A 259 -4.60 -20.41 56.66
C LYS A 259 -5.27 -19.04 56.82
N ASP A 260 -4.49 -17.96 56.85
CA ASP A 260 -5.13 -16.65 57.02
C ASP A 260 -5.11 -15.81 55.76
N SER A 261 -4.62 -16.39 54.67
CA SER A 261 -4.49 -15.72 53.38
C SER A 261 -5.83 -15.65 52.70
N LYS A 262 -5.95 -14.69 51.77
CA LYS A 262 -7.17 -14.47 51.00
C LYS A 262 -7.62 -15.74 50.33
N ALA A 263 -6.66 -16.61 50.09
CA ALA A 263 -6.86 -17.79 49.25
C ALA A 263 -7.59 -18.88 50.01
N GLU A 264 -7.53 -18.87 51.31
CA GLU A 264 -8.08 -19.96 52.13
C GLU A 264 -9.39 -20.60 51.65
N PRO A 265 -10.43 -19.80 51.32
CA PRO A 265 -11.73 -20.41 51.01
C PRO A 265 -11.68 -21.40 49.83
N HIS A 266 -10.72 -21.21 48.94
CA HIS A 266 -10.57 -22.05 47.77
C HIS A 266 -9.86 -23.35 48.09
N PHE A 267 -8.71 -23.24 48.75
CA PHE A 267 -7.90 -24.41 49.10
C PHE A 267 -8.67 -25.41 49.97
N LEU A 268 -9.49 -24.88 50.88
CA LEU A 268 -10.34 -25.72 51.68
C LEU A 268 -11.30 -26.50 50.81
N SER A 269 -11.72 -25.89 49.71
CA SER A 269 -12.70 -26.47 48.81
C SER A 269 -12.07 -27.58 47.99
N ILE A 270 -10.89 -27.29 47.46
CA ILE A 270 -10.06 -28.30 46.85
C ILE A 270 -10.03 -29.52 47.76
N LEU A 271 -9.54 -29.37 48.98
CA LEU A 271 -9.48 -30.47 49.95
C LEU A 271 -10.81 -31.23 50.15
N GLN A 272 -11.87 -30.47 50.41
CA GLN A 272 -13.20 -31.02 50.59
C GLN A 272 -13.63 -31.95 49.46
N HIS A 273 -13.27 -31.57 48.23
CA HIS A 273 -13.56 -32.39 47.05
C HIS A 273 -12.66 -33.62 47.01
N LEU A 274 -11.38 -33.43 47.32
CA LEU A 274 -10.42 -34.51 47.40
C LEU A 274 -10.88 -35.59 48.38
N LEU A 275 -11.60 -35.19 49.41
CA LEU A 275 -11.96 -36.11 50.49
C LEU A 275 -13.40 -36.60 50.46
N LEU A 276 -13.98 -36.70 49.27
CA LEU A 276 -15.37 -37.18 49.12
C LEU A 276 -15.41 -38.67 49.06
N VAL A 277 -14.48 -39.21 48.28
CA VAL A 277 -14.27 -40.64 48.09
C VAL A 277 -14.38 -41.36 49.41
N ARG A 278 -15.53 -42.00 49.63
CA ARG A 278 -15.82 -42.64 50.92
C ARG A 278 -14.71 -43.59 51.34
N ASN A 279 -14.61 -43.81 52.64
CA ASN A 279 -13.51 -44.54 53.26
C ASN A 279 -13.29 -45.96 52.72
N ASP A 280 -14.27 -46.83 52.96
CA ASP A 280 -14.15 -48.26 52.73
C ASP A 280 -14.26 -48.70 51.25
N TYR A 281 -14.16 -47.75 50.34
CA TYR A 281 -14.15 -48.09 48.92
C TYR A 281 -12.85 -48.79 48.61
N GLU A 282 -12.97 -50.01 48.08
CA GLU A 282 -11.82 -50.89 47.94
C GLU A 282 -10.78 -50.40 46.92
N ALA A 283 -11.25 -49.65 45.93
CA ALA A 283 -10.36 -49.16 44.88
C ALA A 283 -9.88 -47.74 45.14
N ARG A 284 -10.16 -47.26 46.35
CA ARG A 284 -9.75 -45.94 46.79
C ARG A 284 -8.28 -45.64 46.44
N PRO A 285 -7.34 -46.53 46.86
CA PRO A 285 -5.92 -46.33 46.56
C PRO A 285 -5.65 -46.11 45.07
N GLN A 286 -6.22 -46.96 44.23
CA GLN A 286 -6.10 -46.84 42.78
C GLN A 286 -6.74 -45.53 42.30
N TYR A 287 -7.93 -45.24 42.81
CA TYR A 287 -8.67 -44.02 42.49
C TYR A 287 -7.82 -42.78 42.72
N TYR A 288 -7.08 -42.76 43.83
CA TYR A 288 -6.30 -41.58 44.19
C TYR A 288 -5.01 -41.39 43.38
N LYS A 289 -4.45 -42.48 42.85
CA LYS A 289 -3.34 -42.39 41.88
C LYS A 289 -3.90 -41.74 40.63
N LEU A 290 -5.18 -42.01 40.42
CA LEU A 290 -5.87 -41.57 39.24
C LEU A 290 -6.22 -40.08 39.30
N ILE A 291 -6.62 -39.59 40.47
CA ILE A 291 -6.82 -38.14 40.67
C ILE A 291 -5.47 -37.43 40.76
N GLU A 292 -4.50 -38.10 41.36
CA GLU A 292 -3.14 -37.59 41.44
C GLU A 292 -2.62 -37.27 40.05
N GLU A 293 -2.89 -38.15 39.10
CA GLU A 293 -2.42 -37.97 37.74
C GLU A 293 -3.16 -36.82 37.06
N CYS A 294 -4.45 -36.70 37.36
CA CYS A 294 -5.28 -35.63 36.82
C CYS A 294 -4.80 -34.25 37.28
N VAL A 295 -4.61 -34.10 38.59
CA VAL A 295 -4.18 -32.84 39.17
C VAL A 295 -2.75 -32.49 38.74
N SER A 296 -1.89 -33.50 38.60
CA SER A 296 -0.50 -33.27 38.20
C SER A 296 -0.39 -32.54 36.87
N GLN A 297 -1.15 -33.00 35.89
CA GLN A 297 -1.16 -32.40 34.56
C GLN A 297 -1.49 -30.93 34.68
N ILE A 298 -2.55 -30.63 35.45
CA ILE A 298 -3.07 -29.27 35.61
C ILE A 298 -2.00 -28.31 36.13
N VAL A 299 -1.10 -28.82 36.95
CA VAL A 299 -0.09 -27.97 37.56
C VAL A 299 1.16 -27.88 36.67
N LEU A 300 1.50 -28.96 35.97
CA LEU A 300 2.77 -29.04 35.23
C LEU A 300 2.73 -28.89 33.69
N HIS A 301 2.21 -29.90 33.00
CA HIS A 301 2.29 -29.96 31.52
C HIS A 301 0.94 -29.74 30.87
N SER B 1 -24.36 2.87 -2.17
CA SER B 1 -22.92 2.59 -1.89
C SER B 1 -22.04 3.60 -2.61
N ALA B 2 -21.95 3.45 -3.94
CA ALA B 2 -21.12 4.30 -4.80
C ALA B 2 -21.63 5.72 -4.95
N MET B 3 -22.94 5.85 -5.15
CA MET B 3 -23.61 7.15 -5.28
C MET B 3 -23.05 8.21 -4.32
N MET B 4 -22.78 7.80 -3.07
CA MET B 4 -22.27 8.70 -2.02
C MET B 4 -21.13 9.60 -2.50
N TYR B 5 -20.26 9.06 -3.34
CA TYR B 5 -19.14 9.82 -3.88
C TYR B 5 -19.55 10.71 -5.03
N ILE B 6 -20.41 10.17 -5.90
CA ILE B 6 -20.85 10.92 -7.07
C ILE B 6 -21.38 12.30 -6.64
N GLN B 7 -22.20 12.31 -5.56
CA GLN B 7 -22.76 13.55 -5.01
C GLN B 7 -21.70 14.44 -4.38
N GLU B 8 -20.66 13.82 -3.83
CA GLU B 8 -19.63 14.54 -3.08
C GLU B 8 -18.84 15.48 -3.96
N LEU B 9 -18.60 15.05 -5.20
CA LEU B 9 -17.90 15.84 -6.21
C LEU B 9 -18.78 17.00 -6.71
N ARG B 10 -20.05 16.69 -6.96
CA ARG B 10 -21.07 17.68 -7.38
C ARG B 10 -21.38 18.72 -6.32
N SER B 11 -21.22 18.35 -5.05
CA SER B 11 -21.55 19.25 -3.94
C SER B 11 -20.47 20.30 -3.68
N GLY B 12 -19.92 20.84 -4.76
CA GLY B 12 -19.06 22.03 -4.72
C GLY B 12 -17.95 22.05 -3.69
N LEU B 13 -17.23 20.93 -3.56
CA LEU B 13 -16.13 20.77 -2.60
C LEU B 13 -14.97 21.69 -2.91
N ARG B 14 -14.02 21.78 -2.00
CA ARG B 14 -12.97 22.78 -2.14
C ARG B 14 -11.69 22.37 -1.45
N ASP B 15 -10.66 23.20 -1.62
CA ASP B 15 -9.31 22.96 -1.11
C ASP B 15 -9.31 22.40 0.32
N MET B 16 -8.49 21.36 0.54
CA MET B 16 -8.37 20.62 1.81
C MET B 16 -9.52 19.62 2.02
N HIS B 17 -10.76 20.10 2.08
CA HIS B 17 -11.94 19.24 2.20
C HIS B 17 -12.14 18.34 0.97
N LEU B 18 -11.71 18.86 -0.19
CA LEU B 18 -11.76 18.12 -1.45
C LEU B 18 -10.73 17.00 -1.39
N LEU B 19 -9.49 17.40 -1.11
CA LEU B 19 -8.35 16.49 -1.00
C LEU B 19 -8.74 15.24 -0.22
N SER B 20 -9.16 15.44 1.03
CA SER B 20 -9.62 14.37 1.90
C SER B 20 -10.58 13.45 1.15
N CYS B 21 -11.69 14.03 0.67
CA CYS B 21 -12.71 13.25 -0.04
C CYS B 21 -12.13 12.49 -1.23
N LEU B 22 -11.15 13.08 -1.90
CA LEU B 22 -10.47 12.45 -3.04
C LEU B 22 -9.59 11.27 -2.64
N GLU B 23 -8.84 11.43 -1.54
CA GLU B 23 -8.03 10.35 -1.00
C GLU B 23 -8.90 9.11 -0.72
N SER B 24 -9.91 9.27 0.12
CA SER B 24 -10.81 8.18 0.46
C SER B 24 -11.39 7.51 -0.77
N LEU B 25 -11.65 8.33 -1.79
CA LEU B 25 -12.24 7.88 -3.04
C LEU B 25 -11.28 6.93 -3.76
N ARG B 26 -10.03 7.36 -3.87
CA ARG B 26 -9.00 6.50 -4.45
C ARG B 26 -8.98 5.17 -3.73
N VAL B 27 -8.76 5.23 -2.43
CA VAL B 27 -8.56 4.04 -1.61
C VAL B 27 -9.77 3.11 -1.67
N SER B 28 -10.97 3.68 -1.82
CA SER B 28 -12.20 2.90 -1.94
C SER B 28 -12.23 2.20 -3.28
N LEU B 29 -11.80 2.92 -4.31
CA LEU B 29 -11.72 2.38 -5.67
C LEU B 29 -10.83 1.15 -5.72
N ASN B 30 -9.57 1.32 -5.29
CA ASN B 30 -8.58 0.24 -5.23
C ASN B 30 -9.04 -0.99 -4.41
N ASN B 31 -9.57 -0.75 -3.22
CA ASN B 31 -9.93 -1.82 -2.27
C ASN B 31 -11.39 -2.26 -2.39
N ASN B 32 -11.81 -2.50 -3.63
CA ASN B 32 -13.18 -2.89 -3.97
C ASN B 32 -13.18 -3.93 -5.10
N PRO B 33 -14.34 -4.55 -5.39
CA PRO B 33 -14.38 -5.48 -6.52
C PRO B 33 -14.42 -4.71 -7.83
N VAL B 34 -14.86 -5.38 -8.91
CA VAL B 34 -15.01 -4.75 -10.22
C VAL B 34 -16.41 -4.14 -10.40
N SER B 35 -17.41 -4.78 -9.80
CA SER B 35 -18.81 -4.35 -9.91
C SER B 35 -19.10 -3.04 -9.18
N TRP B 36 -18.36 -2.78 -8.10
CA TRP B 36 -18.46 -1.49 -7.38
C TRP B 36 -17.94 -0.34 -8.23
N VAL B 37 -16.98 -0.63 -9.10
CA VAL B 37 -16.42 0.38 -10.00
C VAL B 37 -17.42 0.75 -11.10
N GLN B 38 -18.18 -0.26 -11.55
CA GLN B 38 -19.22 -0.04 -12.56
C GLN B 38 -20.27 0.97 -12.10
N THR B 39 -20.67 0.84 -10.83
CA THR B 39 -21.69 1.70 -10.23
C THR B 39 -21.26 3.17 -10.17
N PHE B 40 -19.95 3.38 -10.12
CA PHE B 40 -19.39 4.72 -10.26
C PHE B 40 -19.47 5.15 -11.72
N GLY B 41 -19.36 4.14 -12.60
CA GLY B 41 -19.56 4.27 -14.05
C GLY B 41 -19.11 5.53 -14.72
N ALA B 42 -19.85 5.93 -15.76
CA ALA B 42 -19.54 7.14 -16.50
C ALA B 42 -19.87 8.42 -15.69
N GLU B 43 -20.97 8.39 -14.95
CA GLU B 43 -21.47 9.54 -14.21
C GLU B 43 -20.43 10.05 -13.23
N GLY B 44 -19.84 9.11 -12.48
CA GLY B 44 -18.84 9.43 -11.47
C GLY B 44 -17.54 9.88 -12.10
N LEU B 45 -17.05 9.07 -13.04
CA LEU B 45 -15.87 9.41 -13.82
C LEU B 45 -16.01 10.85 -14.32
N ALA B 46 -17.19 11.14 -14.86
CA ALA B 46 -17.53 12.44 -15.43
C ALA B 46 -17.06 13.55 -14.51
N SER B 47 -17.69 13.61 -13.34
CA SER B 47 -17.44 14.63 -12.33
C SER B 47 -15.95 14.83 -11.97
N LEU B 48 -15.19 13.75 -11.98
CA LEU B 48 -13.75 13.78 -11.72
C LEU B 48 -13.00 14.65 -12.74
N LEU B 49 -13.37 14.50 -14.01
CA LEU B 49 -12.76 15.26 -15.08
C LEU B 49 -13.18 16.73 -15.04
N ASP B 50 -14.44 16.97 -14.66
CA ASP B 50 -15.00 18.32 -14.52
C ASP B 50 -14.16 19.17 -13.57
N ILE B 51 -13.79 18.58 -12.45
CA ILE B 51 -13.00 19.26 -11.44
C ILE B 51 -11.61 19.55 -11.99
N LEU B 52 -11.06 18.56 -12.70
CA LEU B 52 -9.75 18.71 -13.33
C LEU B 52 -9.62 19.99 -14.17
N LYS B 53 -10.37 20.06 -15.27
CA LYS B 53 -10.37 21.23 -16.16
C LYS B 53 -10.64 22.51 -15.38
N ARG B 54 -11.68 22.48 -14.55
CA ARG B 54 -12.06 23.58 -13.67
C ARG B 54 -10.88 24.01 -12.81
N LEU B 55 -10.07 23.03 -12.41
CA LEU B 55 -8.90 23.24 -11.55
C LEU B 55 -7.71 23.73 -12.37
N HIS B 56 -7.65 23.29 -13.63
CA HIS B 56 -6.67 23.77 -14.58
C HIS B 56 -6.87 25.27 -14.87
N ASP B 57 -8.11 25.65 -15.23
CA ASP B 57 -8.49 27.05 -15.47
C ASP B 57 -7.80 28.05 -14.52
N GLU B 58 -7.85 27.74 -13.23
CA GLU B 58 -7.38 28.64 -12.17
C GLU B 58 -5.88 28.93 -12.23
N LYS B 59 -5.52 30.17 -11.87
CA LYS B 59 -4.14 30.62 -11.88
C LYS B 59 -3.92 31.78 -10.90
N TYR B 66 -0.24 25.32 -3.08
CA TYR B 66 -1.02 24.64 -2.05
C TYR B 66 -1.78 23.40 -2.56
N ASP B 67 -2.42 23.52 -3.71
CA ASP B 67 -3.35 22.48 -4.22
C ASP B 67 -3.07 21.92 -5.62
N SER B 68 -1.81 21.58 -5.88
CA SER B 68 -1.46 20.68 -6.96
C SER B 68 -1.83 19.28 -6.48
N ARG B 69 -1.66 19.09 -5.17
CA ARG B 69 -1.98 17.87 -4.46
C ARG B 69 -3.43 17.46 -4.71
N ASN B 70 -4.24 18.45 -5.05
CA ASN B 70 -5.67 18.27 -5.24
C ASN B 70 -5.98 17.62 -6.58
N GLN B 71 -5.34 18.12 -7.64
CA GLN B 71 -5.53 17.55 -8.98
C GLN B 71 -4.91 16.16 -9.06
N HIS B 72 -3.71 16.04 -8.49
CA HIS B 72 -2.96 14.79 -8.47
C HIS B 72 -3.86 13.62 -8.08
N GLU B 73 -4.61 13.80 -7.00
CA GLU B 73 -5.44 12.73 -6.47
C GLU B 73 -6.49 12.25 -7.46
N ILE B 74 -6.94 13.16 -8.33
CA ILE B 74 -7.91 12.81 -9.37
C ILE B 74 -7.25 11.95 -10.45
N ILE B 75 -5.95 12.15 -10.67
CA ILE B 75 -5.13 11.31 -11.56
C ILE B 75 -5.00 9.90 -10.97
N ARG B 76 -4.60 9.84 -9.70
CA ARG B 76 -4.49 8.57 -8.98
C ARG B 76 -5.82 7.86 -8.96
N CYS B 77 -6.90 8.62 -8.81
CA CYS B 77 -8.26 8.08 -8.84
C CYS B 77 -8.53 7.40 -10.16
N LEU B 78 -8.07 8.04 -11.22
CA LEU B 78 -8.29 7.54 -12.57
C LEU B 78 -7.49 6.27 -12.75
N LYS B 79 -6.18 6.31 -12.46
CA LYS B 79 -5.33 5.12 -12.52
C LYS B 79 -6.00 3.91 -11.83
N ALA B 80 -6.46 4.13 -10.60
CA ALA B 80 -7.20 3.15 -9.82
C ALA B 80 -8.46 2.71 -10.57
N PHE B 81 -9.20 3.70 -11.09
CA PHE B 81 -10.45 3.48 -11.81
C PHE B 81 -10.24 2.70 -13.10
N MET B 82 -9.16 3.05 -13.80
CA MET B 82 -8.84 2.43 -15.08
C MET B 82 -8.17 1.06 -14.93
N ASN B 83 -7.65 0.78 -13.75
CA ASN B 83 -7.02 -0.51 -13.49
C ASN B 83 -7.97 -1.71 -13.65
N ASN B 84 -8.48 -1.89 -14.87
CA ASN B 84 -9.41 -2.98 -15.24
C ASN B 84 -10.00 -2.78 -16.65
N LYS B 85 -10.74 -3.79 -17.13
CA LYS B 85 -11.48 -3.68 -18.40
C LYS B 85 -12.35 -2.42 -18.44
N PHE B 86 -13.53 -2.56 -17.85
CA PHE B 86 -14.53 -1.51 -17.73
C PHE B 86 -13.95 -0.09 -17.74
N GLY B 87 -13.06 0.20 -16.80
CA GLY B 87 -12.52 1.55 -16.59
C GLY B 87 -11.94 2.25 -17.80
N ILE B 88 -10.79 1.77 -18.29
CA ILE B 88 -10.12 2.35 -19.46
C ILE B 88 -11.10 2.60 -20.63
N LYS B 89 -11.86 1.57 -20.97
CA LYS B 89 -12.91 1.63 -21.98
C LYS B 89 -13.79 2.88 -21.81
N THR B 90 -14.28 3.10 -20.59
CA THR B 90 -15.17 4.22 -20.31
C THR B 90 -14.42 5.54 -20.20
N MET B 91 -13.13 5.48 -19.88
CA MET B 91 -12.32 6.67 -19.96
C MET B 91 -12.19 7.05 -21.43
N LEU B 92 -12.09 6.04 -22.29
CA LEU B 92 -11.93 6.24 -23.75
C LEU B 92 -13.18 6.81 -24.42
N GLU B 93 -14.35 6.50 -23.88
CA GLU B 93 -15.61 6.99 -24.46
C GLU B 93 -15.81 8.50 -24.29
N THR B 94 -15.15 9.08 -23.29
CA THR B 94 -15.24 10.52 -22.99
C THR B 94 -14.74 11.42 -24.13
N GLU B 95 -14.98 12.72 -23.98
CA GLU B 95 -14.36 13.69 -24.87
C GLU B 95 -12.99 14.02 -24.32
N GLU B 96 -12.99 14.83 -23.27
CA GLU B 96 -11.77 15.42 -22.73
C GLU B 96 -10.94 14.48 -21.83
N GLY B 97 -11.27 13.19 -21.83
CA GLY B 97 -10.53 12.22 -21.04
C GLY B 97 -9.06 12.28 -21.30
N ILE B 98 -8.62 11.52 -22.31
CA ILE B 98 -7.22 11.48 -22.74
C ILE B 98 -6.54 12.86 -22.80
N LEU B 99 -7.31 13.88 -23.18
CA LEU B 99 -6.77 15.23 -23.25
C LEU B 99 -6.33 15.74 -21.89
N LEU B 100 -7.11 15.44 -20.85
CA LEU B 100 -6.81 16.01 -19.54
C LEU B 100 -5.62 15.32 -18.87
N LEU B 101 -5.51 14.01 -19.06
CA LEU B 101 -4.32 13.26 -18.64
C LEU B 101 -3.10 13.97 -19.20
N VAL B 102 -3.08 14.19 -20.51
CA VAL B 102 -1.99 14.95 -21.13
C VAL B 102 -1.78 16.25 -20.37
N ARG B 103 -2.87 16.96 -20.09
CA ARG B 103 -2.79 18.29 -19.50
C ARG B 103 -2.07 18.28 -18.16
N ALA B 104 -2.11 17.11 -17.49
CA ALA B 104 -1.49 16.90 -16.18
C ALA B 104 0.03 16.84 -16.24
N MET B 105 0.59 16.46 -17.38
CA MET B 105 2.05 16.45 -17.60
C MET B 105 2.63 17.84 -17.46
N ASP B 106 3.83 17.94 -16.87
CA ASP B 106 4.54 19.21 -16.70
C ASP B 106 5.72 19.08 -15.72
N PRO B 107 6.77 19.90 -15.94
CA PRO B 107 7.95 19.89 -15.07
C PRO B 107 7.69 20.43 -13.65
N ALA B 108 6.65 21.26 -13.50
CA ALA B 108 6.37 22.00 -12.26
C ALA B 108 5.88 21.14 -11.08
N VAL B 109 5.31 19.96 -11.38
CA VAL B 109 4.73 19.06 -10.38
C VAL B 109 5.19 17.59 -10.65
N PRO B 110 6.51 17.33 -10.53
CA PRO B 110 7.12 16.06 -10.91
C PRO B 110 6.20 14.85 -10.83
N ASN B 111 5.66 14.58 -9.65
CA ASN B 111 4.84 13.39 -9.41
C ASN B 111 3.60 13.26 -10.28
N MET B 112 2.93 14.38 -10.54
CA MET B 112 1.68 14.30 -11.28
C MET B 112 1.97 13.86 -12.71
N MET B 113 2.88 14.59 -13.36
CA MET B 113 3.38 14.20 -14.69
C MET B 113 3.79 12.72 -14.73
N ILE B 114 4.57 12.29 -13.74
CA ILE B 114 4.99 10.88 -13.60
C ILE B 114 3.76 9.98 -13.76
N ASP B 115 2.72 10.26 -12.97
CA ASP B 115 1.51 9.44 -12.98
C ASP B 115 0.68 9.61 -14.26
N ALA B 116 0.74 10.82 -14.84
CA ALA B 116 0.04 11.13 -16.09
C ALA B 116 0.66 10.41 -17.30
N ALA B 117 1.98 10.48 -17.43
CA ALA B 117 2.73 9.82 -18.49
C ALA B 117 2.41 8.32 -18.58
N LYS B 118 2.82 7.55 -17.57
CA LYS B 118 2.61 6.10 -17.59
C LYS B 118 1.14 5.74 -17.74
N LEU B 119 0.28 6.69 -17.34
CA LEU B 119 -1.16 6.50 -17.45
C LEU B 119 -1.57 6.48 -18.91
N LEU B 120 -0.99 7.38 -19.68
CA LEU B 120 -1.15 7.38 -21.14
C LEU B 120 -0.41 6.20 -21.80
N SER B 121 0.86 6.03 -21.45
CA SER B 121 1.69 4.96 -22.01
C SER B 121 0.97 3.63 -22.08
N ALA B 122 0.24 3.29 -21.02
CA ALA B 122 -0.46 2.01 -20.96
C ALA B 122 -1.65 1.94 -21.94
N LEU B 123 -2.14 3.10 -22.36
CA LEU B 123 -3.19 3.18 -23.39
C LEU B 123 -2.60 2.87 -24.75
N CYS B 124 -1.50 3.56 -25.09
CA CYS B 124 -0.78 3.32 -26.34
C CYS B 124 -0.67 1.83 -26.63
N ILE B 125 0.06 1.13 -25.76
CA ILE B 125 0.33 -0.28 -25.97
C ILE B 125 -0.92 -1.15 -25.75
N LEU B 126 -2.09 -0.53 -25.80
CA LEU B 126 -3.35 -1.26 -25.79
C LEU B 126 -3.60 -1.87 -27.16
N PRO B 127 -3.80 -3.19 -27.21
CA PRO B 127 -3.93 -4.00 -28.43
C PRO B 127 -5.16 -3.72 -29.34
N GLN B 128 -6.38 -3.85 -28.79
CA GLN B 128 -7.60 -3.87 -29.60
C GLN B 128 -8.25 -2.53 -30.04
N PRO B 129 -8.06 -1.43 -29.26
CA PRO B 129 -8.55 -0.16 -29.84
C PRO B 129 -7.43 0.48 -30.68
N GLU B 130 -7.36 0.03 -31.93
CA GLU B 130 -6.24 0.29 -32.85
C GLU B 130 -5.84 1.75 -32.94
N ASP B 131 -4.52 1.97 -33.02
CA ASP B 131 -3.91 3.30 -33.18
C ASP B 131 -4.15 4.25 -32.00
N MET B 132 -4.16 3.69 -30.79
CA MET B 132 -4.32 4.49 -29.59
C MET B 132 -3.23 5.57 -29.45
N ASN B 133 -2.04 5.23 -29.94
CA ASN B 133 -0.92 6.19 -30.03
C ASN B 133 -1.27 7.42 -30.86
N GLU B 134 -2.18 7.23 -31.82
CA GLU B 134 -2.64 8.34 -32.66
C GLU B 134 -3.58 9.28 -31.88
N ARG B 135 -4.50 8.69 -31.12
CA ARG B 135 -5.36 9.43 -30.20
C ARG B 135 -4.55 10.27 -29.20
N VAL B 136 -3.53 9.65 -28.62
CA VAL B 136 -2.66 10.27 -27.63
C VAL B 136 -1.87 11.44 -28.23
N LEU B 137 -1.36 11.22 -29.44
CA LEU B 137 -0.54 12.21 -30.10
C LEU B 137 -1.39 13.41 -30.53
N GLU B 138 -2.58 13.12 -31.06
CA GLU B 138 -3.57 14.16 -31.37
C GLU B 138 -3.87 15.01 -30.15
N ALA B 139 -4.30 14.35 -29.08
CA ALA B 139 -4.58 15.02 -27.82
C ALA B 139 -3.36 15.77 -27.29
N MET B 140 -2.17 15.19 -27.48
CA MET B 140 -0.94 15.84 -27.02
C MET B 140 -0.73 17.17 -27.71
N THR B 141 -1.15 17.23 -28.97
CA THR B 141 -1.01 18.42 -29.79
C THR B 141 -1.89 19.54 -29.23
N GLU B 142 -3.16 19.23 -29.02
CA GLU B 142 -4.22 20.19 -28.69
C GLU B 142 -3.92 21.12 -27.52
N ARG B 143 -3.09 20.63 -26.59
CA ARG B 143 -2.69 21.43 -25.45
C ARG B 143 -1.61 22.47 -25.78
N ALA B 144 -0.89 22.27 -26.89
CA ALA B 144 0.25 23.12 -27.23
C ALA B 144 -0.13 24.52 -27.78
N GLU B 145 -1.42 24.85 -27.73
CA GLU B 145 -1.93 26.13 -28.24
C GLU B 145 -2.57 26.99 -27.15
N MET B 146 -3.31 26.36 -26.24
CA MET B 146 -3.90 27.04 -25.06
C MET B 146 -2.88 28.01 -24.46
N ASP B 147 -1.67 27.49 -24.26
CA ASP B 147 -0.45 28.27 -24.20
C ASP B 147 0.39 27.77 -25.39
N GLU B 148 0.98 28.70 -26.13
CA GLU B 148 1.39 28.43 -27.53
C GLU B 148 2.76 27.76 -27.77
N VAL B 149 3.24 26.97 -26.80
CA VAL B 149 4.55 26.32 -26.93
C VAL B 149 4.45 24.90 -27.50
N GLU B 150 5.57 24.40 -28.04
CA GLU B 150 5.62 23.16 -28.83
C GLU B 150 5.09 21.91 -28.10
N ARG B 151 4.50 21.00 -28.87
CA ARG B 151 3.80 19.81 -28.33
C ARG B 151 4.65 18.78 -27.56
N PHE B 152 5.97 18.95 -27.55
CA PHE B 152 6.84 17.95 -26.93
C PHE B 152 7.67 18.46 -25.77
N GLN B 153 7.69 19.78 -25.60
CA GLN B 153 8.59 20.41 -24.63
C GLN B 153 8.41 19.96 -23.16
N PRO B 154 7.17 19.59 -22.73
CA PRO B 154 7.00 18.75 -21.53
C PRO B 154 7.92 17.52 -21.48
N LEU B 155 7.80 16.61 -22.45
CA LEU B 155 8.62 15.39 -22.45
C LEU B 155 10.14 15.62 -22.45
N LEU B 156 10.57 16.82 -22.83
CA LEU B 156 11.99 17.17 -22.81
C LEU B 156 12.39 17.98 -21.58
N ASP B 157 11.45 18.78 -21.06
CA ASP B 157 11.65 19.53 -19.83
C ASP B 157 12.04 18.59 -18.69
N GLY B 158 11.35 17.45 -18.63
CA GLY B 158 11.62 16.42 -17.64
C GLY B 158 12.80 15.53 -18.00
N LEU B 159 13.78 16.11 -18.67
CA LEU B 159 15.04 15.42 -19.00
C LEU B 159 16.22 16.40 -18.91
N LYS B 160 16.24 17.15 -17.80
CA LYS B 160 17.23 18.22 -17.55
C LYS B 160 18.10 17.97 -16.30
N SER B 161 18.77 19.03 -15.86
CA SER B 161 19.41 19.07 -14.56
C SER B 161 18.34 19.49 -13.56
N GLY B 162 18.21 18.73 -12.48
CA GLY B 162 17.25 19.04 -11.41
C GLY B 162 16.18 17.98 -11.23
N THR B 163 15.70 17.43 -12.35
CA THR B 163 14.57 16.49 -12.35
C THR B 163 14.86 15.16 -11.66
N SER B 164 13.81 14.64 -11.02
CA SER B 164 13.82 13.32 -10.38
C SER B 164 14.10 12.21 -11.40
N ILE B 165 15.08 11.37 -11.08
CA ILE B 165 15.51 10.31 -11.98
C ILE B 165 14.35 9.34 -12.32
N ALA B 166 13.25 9.45 -11.58
CA ALA B 166 12.03 8.67 -11.84
C ALA B 166 11.16 9.33 -12.92
N LEU B 167 11.22 10.66 -12.96
CA LEU B 167 10.58 11.47 -14.01
C LEU B 167 11.13 11.07 -15.37
N LYS B 168 12.46 11.10 -15.47
CA LYS B 168 13.18 10.77 -16.70
C LYS B 168 12.77 9.42 -17.29
N VAL B 169 12.64 8.42 -16.43
CA VAL B 169 12.18 7.08 -16.83
C VAL B 169 10.77 7.11 -17.46
N GLY B 170 9.93 7.99 -16.94
CA GLY B 170 8.54 8.14 -17.42
C GLY B 170 8.40 8.93 -18.71
N CYS B 171 9.42 9.74 -19.02
CA CYS B 171 9.49 10.48 -20.29
C CYS B 171 9.78 9.53 -21.43
N LEU B 172 11.02 9.05 -21.47
CA LEU B 172 11.44 8.09 -22.48
C LEU B 172 10.53 6.87 -22.48
N GLN B 173 9.88 6.60 -21.36
CA GLN B 173 8.94 5.50 -21.27
C GLN B 173 7.71 5.76 -22.15
N LEU B 174 7.24 7.00 -22.15
CA LEU B 174 6.09 7.38 -22.99
C LEU B 174 6.52 7.36 -24.45
N ILE B 175 7.63 8.05 -24.74
CA ILE B 175 8.22 8.11 -26.07
C ILE B 175 8.24 6.73 -26.76
N ASN B 176 8.67 5.69 -26.06
CA ASN B 176 8.60 4.32 -26.59
C ASN B 176 7.19 3.83 -26.94
N ALA B 177 6.21 4.18 -26.11
CA ALA B 177 4.82 3.76 -26.33
C ALA B 177 4.20 4.57 -27.48
N LEU B 178 4.77 5.74 -27.71
CA LEU B 178 4.44 6.59 -28.83
C LEU B 178 5.38 6.41 -30.03
N ILE B 179 5.96 5.20 -30.17
CA ILE B 179 6.86 4.87 -31.28
C ILE B 179 6.70 3.40 -31.73
N THR B 180 6.76 2.48 -30.78
CA THR B 180 6.70 1.04 -31.06
C THR B 180 5.45 0.54 -31.83
N PRO B 181 4.22 0.97 -31.44
CA PRO B 181 3.11 0.35 -32.16
C PRO B 181 2.80 1.01 -33.52
N ALA B 182 3.56 2.06 -33.87
CA ALA B 182 3.37 2.78 -35.14
C ALA B 182 3.87 1.97 -36.34
N GLU B 183 2.92 1.55 -37.18
CA GLU B 183 3.18 0.70 -38.34
C GLU B 183 4.01 1.35 -39.48
N GLU B 184 3.90 2.67 -39.62
CA GLU B 184 4.65 3.39 -40.66
C GLU B 184 6.01 3.92 -40.19
N LEU B 185 7.05 3.42 -40.83
CA LEU B 185 8.43 3.81 -40.55
C LEU B 185 8.62 5.32 -40.63
N ASP B 186 8.00 5.94 -41.65
CA ASP B 186 8.09 7.39 -41.90
C ASP B 186 7.66 8.21 -40.68
N PHE B 187 6.71 7.65 -39.94
CA PHE B 187 6.09 8.25 -38.76
C PHE B 187 7.10 8.36 -37.63
N ARG B 188 7.73 7.23 -37.34
CA ARG B 188 8.64 7.08 -36.20
C ARG B 188 9.82 8.02 -36.30
N VAL B 189 10.43 8.09 -37.49
CA VAL B 189 11.57 8.97 -37.72
C VAL B 189 11.11 10.43 -37.71
N HIS B 190 9.87 10.64 -38.17
CA HIS B 190 9.26 11.95 -38.17
C HIS B 190 9.33 12.54 -36.76
N ILE B 191 8.63 11.91 -35.83
CA ILE B 191 8.50 12.45 -34.48
C ILE B 191 9.79 12.33 -33.66
N ARG B 192 10.59 11.31 -33.94
CA ARG B 192 11.93 11.17 -33.35
C ARG B 192 12.78 12.37 -33.74
N SER B 193 12.60 12.84 -34.98
CA SER B 193 13.33 14.01 -35.45
C SER B 193 12.72 15.26 -34.82
N GLU B 194 11.39 15.25 -34.64
CA GLU B 194 10.70 16.33 -33.92
C GLU B 194 11.36 16.53 -32.56
N LEU B 195 11.44 15.43 -31.80
CA LEU B 195 12.13 15.39 -30.49
C LEU B 195 13.51 16.03 -30.53
N MET B 196 14.39 15.45 -31.36
CA MET B 196 15.80 15.86 -31.44
C MET B 196 16.00 17.30 -31.92
N ARG B 197 14.95 17.87 -32.51
CA ARG B 197 14.96 19.27 -32.92
C ARG B 197 14.87 20.19 -31.69
N LEU B 198 14.19 19.71 -30.66
CA LEU B 198 14.06 20.45 -29.40
C LEU B 198 15.30 20.28 -28.51
N GLY B 199 16.05 19.19 -28.76
CA GLY B 199 17.33 18.95 -28.08
C GLY B 199 17.52 17.58 -27.43
N LEU B 200 16.73 16.59 -27.86
CA LEU B 200 16.79 15.23 -27.31
C LEU B 200 18.18 14.62 -27.47
N HIS B 201 18.80 14.83 -28.63
CA HIS B 201 20.15 14.34 -28.88
C HIS B 201 21.19 15.06 -28.02
N GLN B 202 20.90 16.32 -27.69
CA GLN B 202 21.73 17.10 -26.77
C GLN B 202 21.71 16.55 -25.33
N VAL B 203 20.58 15.95 -24.94
CA VAL B 203 20.41 15.44 -23.57
C VAL B 203 20.53 13.91 -23.45
N LEU B 204 20.13 13.19 -24.50
CA LEU B 204 20.17 11.72 -24.52
C LEU B 204 21.58 11.16 -24.20
N GLN B 205 22.59 12.02 -24.34
CA GLN B 205 23.95 11.71 -23.91
C GLN B 205 23.91 11.38 -22.42
N GLU B 206 23.34 12.30 -21.66
CA GLU B 206 23.32 12.25 -20.20
C GLU B 206 22.47 11.10 -19.63
N LEU B 207 21.56 10.57 -20.43
CA LEU B 207 20.64 9.52 -19.98
C LEU B 207 21.22 8.10 -20.14
N ARG B 208 22.55 8.03 -20.23
CA ARG B 208 23.28 6.76 -20.20
C ARG B 208 24.35 6.84 -19.13
N GLU B 209 24.88 8.05 -18.96
CA GLU B 209 25.79 8.40 -17.87
C GLU B 209 25.22 7.97 -16.51
N ILE B 210 23.92 8.22 -16.30
CA ILE B 210 23.18 7.74 -15.12
C ILE B 210 23.00 6.23 -15.17
N GLU B 211 23.46 5.55 -14.12
CA GLU B 211 23.34 4.10 -14.02
C GLU B 211 22.08 3.71 -13.25
N ASN B 212 21.18 3.00 -13.94
CA ASN B 212 19.85 2.72 -13.41
C ASN B 212 19.37 1.38 -13.92
N GLU B 213 18.42 0.78 -13.20
CA GLU B 213 17.91 -0.54 -13.56
C GLU B 213 16.66 -0.46 -14.46
N ASP B 214 15.75 0.44 -14.12
CA ASP B 214 14.49 0.63 -14.85
C ASP B 214 14.57 1.66 -15.98
N MET B 215 15.57 2.54 -15.91
CA MET B 215 15.86 3.53 -16.95
C MET B 215 16.51 2.87 -18.16
N LYS B 216 17.25 1.80 -17.90
CA LYS B 216 18.01 1.13 -18.94
C LYS B 216 17.37 -0.19 -19.39
N VAL B 217 16.06 -0.32 -19.16
CA VAL B 217 15.25 -1.27 -19.92
C VAL B 217 14.44 -0.44 -20.92
N GLN B 218 14.58 0.89 -20.81
CA GLN B 218 13.94 1.85 -21.73
C GLN B 218 14.80 2.09 -22.97
N LEU B 219 16.02 2.56 -22.73
CA LEU B 219 17.02 2.77 -23.77
C LEU B 219 17.27 1.48 -24.57
N CYS B 220 17.16 0.32 -23.91
CA CYS B 220 17.26 -0.99 -24.56
C CYS B 220 16.05 -1.38 -25.43
N VAL B 221 15.07 -0.48 -25.51
CA VAL B 221 13.95 -0.62 -26.44
C VAL B 221 13.93 0.60 -27.38
N PHE B 222 14.36 1.75 -26.87
CA PHE B 222 14.49 2.95 -27.71
C PHE B 222 15.62 2.81 -28.73
N ASP B 223 16.84 2.52 -28.26
CA ASP B 223 17.99 2.33 -29.14
C ASP B 223 17.77 1.16 -30.09
N GLU B 224 17.11 0.11 -29.59
CA GLU B 224 16.67 -1.00 -30.42
C GLU B 224 15.81 -0.52 -31.59
N GLN B 225 15.03 0.54 -31.36
CA GLN B 225 14.17 1.13 -32.39
C GLN B 225 14.93 2.14 -33.25
N GLY B 226 15.51 3.14 -32.61
CA GLY B 226 16.29 4.17 -33.30
C GLY B 226 17.33 3.60 -34.25
N ASP B 227 17.66 2.32 -34.07
CA ASP B 227 18.64 1.61 -34.88
C ASP B 227 18.01 0.71 -35.96
N GLU B 228 17.04 -0.11 -35.57
CA GLU B 228 16.30 -0.94 -36.55
C GLU B 228 15.43 -0.08 -37.49
N ASP B 229 15.36 1.22 -37.23
CA ASP B 229 14.76 2.19 -38.14
C ASP B 229 15.85 2.70 -39.09
N PHE B 230 16.88 3.34 -38.50
CA PHE B 230 18.09 3.81 -39.22
C PHE B 230 18.60 2.83 -40.28
N PHE B 231 18.77 1.56 -39.91
CA PHE B 231 19.13 0.52 -40.85
C PHE B 231 18.12 0.48 -41.99
N ASP B 232 16.91 0.04 -41.67
CA ASP B 232 15.84 -0.12 -42.64
C ASP B 232 15.66 1.10 -43.55
N LEU B 233 15.95 2.29 -43.01
CA LEU B 233 15.83 3.55 -43.76
C LEU B 233 16.91 3.72 -44.82
N LYS B 234 18.12 3.24 -44.52
CA LYS B 234 19.22 3.25 -45.49
C LYS B 234 18.87 2.36 -46.65
N GLY B 235 18.35 1.17 -46.34
CA GLY B 235 17.87 0.20 -47.33
C GLY B 235 17.02 0.86 -48.40
N ARG B 236 16.28 1.90 -47.99
CA ARG B 236 15.49 2.70 -48.90
C ARG B 236 16.32 3.81 -49.50
N LEU B 237 17.08 4.52 -48.66
CA LEU B 237 17.96 5.60 -49.12
C LEU B 237 19.04 5.09 -50.09
N ASP B 238 19.62 3.93 -49.80
CA ASP B 238 20.69 3.34 -50.63
C ASP B 238 20.23 3.20 -52.08
N ASP B 239 19.06 2.59 -52.27
CA ASP B 239 18.39 2.56 -53.56
C ASP B 239 18.31 3.97 -54.19
N ILE B 240 17.89 4.97 -53.41
CA ILE B 240 17.81 6.39 -53.85
C ILE B 240 19.19 6.99 -54.15
N ARG B 241 20.24 6.40 -53.59
CA ARG B 241 21.61 6.80 -53.91
C ARG B 241 21.95 6.28 -55.33
N MET B 242 21.39 5.12 -55.67
CA MET B 242 21.57 4.55 -57.00
C MET B 242 20.77 5.31 -58.08
N GLU B 243 19.43 5.32 -57.96
CA GLU B 243 18.54 5.90 -59.00
C GLU B 243 18.69 7.39 -59.18
N MET B 244 18.50 8.15 -58.10
CA MET B 244 18.48 9.60 -58.15
C MET B 244 19.90 10.13 -58.30
N ASP B 245 20.66 9.51 -59.21
CA ASP B 245 22.07 9.83 -59.42
C ASP B 245 22.23 11.14 -60.16
N ASP B 246 21.11 11.69 -60.61
CA ASP B 246 21.04 12.63 -61.70
C ASP B 246 20.07 13.76 -61.37
N PHE B 247 20.39 14.98 -61.75
CA PHE B 247 19.41 16.03 -61.52
C PHE B 247 18.08 15.66 -62.18
N GLY B 248 18.15 15.14 -63.40
CA GLY B 248 16.99 14.61 -64.08
C GLY B 248 16.16 13.73 -63.17
N GLU B 249 16.80 12.72 -62.58
CA GLU B 249 16.09 11.78 -61.70
C GLU B 249 15.46 12.46 -60.48
N VAL B 250 16.09 13.54 -60.04
CA VAL B 250 15.55 14.31 -58.94
C VAL B 250 14.32 15.07 -59.40
N PHE B 251 14.46 15.89 -60.44
CA PHE B 251 13.34 16.71 -60.93
C PHE B 251 12.17 15.81 -61.32
N GLN B 252 12.49 14.77 -62.08
CA GLN B 252 11.54 13.70 -62.40
C GLN B 252 10.68 13.36 -61.17
N ILE B 253 11.30 13.13 -60.01
CA ILE B 253 10.56 12.70 -58.80
C ILE B 253 9.87 13.85 -58.06
N ILE B 254 10.60 14.95 -57.86
CA ILE B 254 10.04 16.22 -57.41
C ILE B 254 8.72 16.59 -58.07
N LEU B 255 8.65 16.52 -59.41
CA LEU B 255 7.44 16.90 -60.14
C LEU B 255 6.34 15.87 -59.96
N ASN B 256 6.70 14.60 -59.90
CA ASN B 256 5.70 13.56 -59.88
C ASN B 256 5.02 13.46 -58.53
N THR B 257 5.75 13.79 -57.47
CA THR B 257 5.28 13.53 -56.09
C THR B 257 5.18 14.78 -55.21
N VAL B 258 6.09 15.73 -55.38
CA VAL B 258 6.07 16.98 -54.62
C VAL B 258 5.48 18.16 -55.44
N LYS B 259 4.43 17.93 -56.20
CA LYS B 259 3.94 19.02 -57.04
C LYS B 259 2.50 19.45 -56.72
N ASP B 260 1.59 18.49 -56.81
CA ASP B 260 0.19 18.77 -56.53
C ASP B 260 -0.18 17.92 -55.34
N SER B 261 0.37 18.35 -54.22
CA SER B 261 0.20 17.75 -52.89
C SER B 261 0.62 18.86 -51.94
N LYS B 262 -0.18 19.11 -50.91
CA LYS B 262 -0.03 20.32 -50.08
C LYS B 262 1.39 20.49 -49.56
N ALA B 263 2.15 19.41 -49.71
CA ALA B 263 3.53 19.33 -49.30
C ALA B 263 4.41 20.28 -50.10
N GLU B 264 3.91 20.74 -51.26
CA GLU B 264 4.66 21.60 -52.20
C GLU B 264 5.34 22.84 -51.62
N PRO B 265 4.56 23.77 -50.99
CA PRO B 265 5.08 25.11 -50.66
C PRO B 265 6.08 25.04 -49.54
N HIS B 266 6.03 23.92 -48.81
CA HIS B 266 7.05 23.58 -47.82
C HIS B 266 8.36 23.25 -48.54
N PHE B 267 8.31 22.23 -49.40
CA PHE B 267 9.47 21.80 -50.17
C PHE B 267 10.11 22.97 -50.92
N LEU B 268 9.29 23.69 -51.67
CA LEU B 268 9.67 24.92 -52.35
C LEU B 268 10.51 25.85 -51.47
N SER B 269 10.07 26.07 -50.23
CA SER B 269 10.78 26.89 -49.24
C SER B 269 12.13 26.28 -48.86
N ILE B 270 12.12 25.00 -48.45
CA ILE B 270 13.36 24.30 -48.14
C ILE B 270 14.38 24.68 -49.20
N LEU B 271 14.01 24.39 -50.45
CA LEU B 271 14.82 24.68 -51.63
C LEU B 271 15.29 26.14 -51.75
N GLN B 272 14.40 27.05 -51.45
CA GLN B 272 14.73 28.47 -51.54
C GLN B 272 15.83 28.83 -50.55
N HIS B 273 15.75 28.25 -49.35
CA HIS B 273 16.76 28.44 -48.32
C HIS B 273 18.10 27.88 -48.76
N LEU B 274 18.07 26.63 -49.25
CA LEU B 274 19.25 25.98 -49.78
C LEU B 274 19.95 26.84 -50.81
N LEU B 275 19.18 27.49 -51.68
CA LEU B 275 19.76 28.17 -52.84
C LEU B 275 20.23 29.61 -52.57
N LEU B 276 20.30 29.96 -51.29
CA LEU B 276 20.60 31.33 -50.85
C LEU B 276 22.06 31.76 -50.98
N VAL B 277 22.96 30.88 -50.54
CA VAL B 277 24.42 31.12 -50.63
C VAL B 277 24.84 31.47 -52.05
N ARG B 278 25.07 32.76 -52.31
CA ARG B 278 25.40 33.25 -53.66
C ARG B 278 26.56 32.46 -54.29
N ASN B 279 26.69 32.56 -55.61
CA ASN B 279 27.70 31.79 -56.36
C ASN B 279 29.13 31.87 -55.85
N ASP B 280 29.72 33.06 -55.95
CA ASP B 280 31.18 33.27 -55.90
C ASP B 280 31.83 33.08 -54.53
N TYR B 281 31.05 32.60 -53.56
CA TYR B 281 31.58 32.23 -52.26
C TYR B 281 32.52 31.04 -52.41
N GLU B 282 33.81 31.34 -52.22
CA GLU B 282 34.92 30.42 -52.39
C GLU B 282 34.72 29.08 -51.70
N ALA B 283 34.17 29.11 -50.48
CA ALA B 283 33.98 27.89 -49.70
C ALA B 283 32.57 27.33 -49.80
N ARG B 284 31.85 27.75 -50.85
CA ARG B 284 30.49 27.29 -51.12
C ARG B 284 30.37 25.76 -51.17
N PRO B 285 31.37 25.07 -51.78
CA PRO B 285 31.38 23.62 -51.73
C PRO B 285 31.38 23.16 -50.29
N GLN B 286 32.30 23.75 -49.52
CA GLN B 286 32.44 23.46 -48.09
C GLN B 286 31.13 23.73 -47.36
N TYR B 287 30.57 24.90 -47.66
CA TYR B 287 29.32 25.35 -47.07
C TYR B 287 28.21 24.30 -47.22
N TYR B 288 27.93 23.91 -48.47
CA TYR B 288 26.87 22.93 -48.76
C TYR B 288 27.19 21.57 -48.14
N LYS B 289 28.48 21.26 -48.10
CA LYS B 289 28.97 20.10 -47.36
C LYS B 289 28.46 20.17 -45.92
N LEU B 290 28.56 21.35 -45.29
CA LEU B 290 28.15 21.51 -43.90
C LEU B 290 26.67 21.21 -43.69
N ILE B 291 25.83 21.82 -44.52
CA ILE B 291 24.37 21.63 -44.44
C ILE B 291 24.00 20.20 -44.79
N GLU B 292 24.75 19.62 -45.72
CA GLU B 292 24.69 18.20 -46.04
C GLU B 292 24.54 17.41 -44.75
N GLU B 293 25.52 17.52 -43.86
CA GLU B 293 25.55 16.76 -42.62
C GLU B 293 24.43 17.17 -41.66
N CYS B 294 24.08 18.46 -41.67
CA CYS B 294 22.99 18.98 -40.85
C CYS B 294 21.70 18.23 -41.14
N VAL B 295 21.17 18.42 -42.34
CA VAL B 295 19.96 17.73 -42.81
C VAL B 295 20.09 16.21 -42.72
N SER B 296 21.27 15.68 -43.07
CA SER B 296 21.53 14.24 -43.00
C SER B 296 21.43 13.68 -41.57
N GLN B 297 21.98 14.45 -40.62
CA GLN B 297 21.82 14.14 -39.19
C GLN B 297 20.34 14.15 -38.81
N ILE B 298 19.62 15.15 -39.34
CA ILE B 298 18.19 15.36 -39.07
C ILE B 298 17.31 14.21 -39.60
N VAL B 299 17.56 13.77 -40.83
CA VAL B 299 16.73 12.71 -41.40
C VAL B 299 17.17 11.32 -40.93
N LEU B 300 18.47 11.12 -40.71
CA LEU B 300 18.97 9.80 -40.32
C LEU B 300 19.29 9.66 -38.83
N HIS B 301 20.30 10.43 -38.35
CA HIS B 301 20.74 10.23 -36.95
C HIS B 301 19.67 10.77 -35.92
N GLY C 36 8.65 5.46 11.46
CA GLY C 36 8.00 4.11 11.38
C GLY C 36 8.47 3.16 12.46
N VAL C 37 7.93 3.32 13.68
CA VAL C 37 8.34 2.52 14.84
C VAL C 37 7.62 1.17 14.90
N MET C 38 6.30 1.18 15.09
CA MET C 38 5.59 -0.06 15.41
C MET C 38 5.51 -1.08 14.27
N ASP C 39 6.16 -0.76 13.16
CA ASP C 39 6.35 -1.73 12.10
C ASP C 39 7.56 -2.61 12.41
N SER C 40 8.50 -2.07 13.17
CA SER C 40 9.65 -2.82 13.67
C SER C 40 9.21 -3.89 14.66
N LEU C 41 8.38 -3.48 15.62
CA LEU C 41 7.86 -4.37 16.65
C LEU C 41 7.09 -5.55 16.06
N LEU C 42 6.19 -5.26 15.12
CA LEU C 42 5.41 -6.29 14.44
C LEU C 42 6.28 -7.30 13.69
N GLU C 43 7.41 -6.84 13.17
CA GLU C 43 8.37 -7.72 12.53
C GLU C 43 8.99 -8.68 13.55
N ALA C 44 9.34 -8.14 14.72
CA ALA C 44 9.93 -8.93 15.78
C ALA C 44 8.93 -9.91 16.39
N LEU C 45 7.68 -9.83 15.96
CA LEU C 45 6.62 -10.64 16.54
C LEU C 45 6.33 -11.94 15.79
N GLN C 46 6.08 -11.84 14.49
CA GLN C 46 5.82 -13.03 13.67
C GLN C 46 7.11 -13.79 13.37
N SER C 47 8.17 -13.04 13.13
CA SER C 47 9.52 -13.59 13.10
C SER C 47 10.09 -13.42 14.50
N GLY C 48 9.56 -14.22 15.41
CA GLY C 48 9.78 -14.07 16.84
C GLY C 48 11.23 -13.95 17.24
N ALA C 49 11.66 -12.71 17.45
CA ALA C 49 12.99 -12.40 17.97
C ALA C 49 12.85 -11.56 19.23
N ALA C 50 11.69 -10.91 19.36
CA ALA C 50 11.32 -10.19 20.58
C ALA C 50 10.83 -11.18 21.65
N PHE C 51 11.49 -12.33 21.70
CA PHE C 51 11.18 -13.41 22.65
C PHE C 51 12.46 -14.09 23.14
N GLY D 36 -7.76 -5.31 -11.24
CA GLY D 36 -6.32 -4.91 -11.34
C GLY D 36 -5.71 -5.37 -12.64
N VAL D 37 -5.71 -4.49 -13.65
CA VAL D 37 -5.27 -4.84 -15.00
C VAL D 37 -4.14 -3.94 -15.50
N MET D 38 -4.33 -2.62 -15.39
CA MET D 38 -3.39 -1.65 -15.92
C MET D 38 -2.05 -1.64 -15.17
N ASP D 39 -1.99 -2.39 -14.07
CA ASP D 39 -0.73 -2.63 -13.38
C ASP D 39 0.14 -3.60 -14.18
N SER D 40 -0.48 -4.66 -14.71
CA SER D 40 0.20 -5.63 -15.56
C SER D 40 0.80 -4.95 -16.78
N LEU D 41 0.08 -3.97 -17.33
CA LEU D 41 0.56 -3.17 -18.45
C LEU D 41 1.63 -2.18 -18.00
N LEU D 42 1.69 -1.89 -16.71
CA LEU D 42 2.63 -0.90 -16.15
C LEU D 42 4.00 -1.45 -15.84
N GLU D 43 4.04 -2.66 -15.28
CA GLU D 43 5.31 -3.34 -14.96
C GLU D 43 5.92 -3.83 -16.26
N ALA D 44 5.10 -4.50 -17.07
CA ALA D 44 5.50 -4.87 -18.42
C ALA D 44 5.63 -3.61 -19.30
N LEU D 45 6.10 -2.52 -18.68
CA LEU D 45 6.40 -1.27 -19.38
C LEU D 45 7.81 -0.81 -19.05
N GLN D 46 8.13 -0.73 -17.76
CA GLN D 46 9.50 -0.41 -17.32
C GLN D 46 10.39 -1.58 -17.68
N SER D 47 9.93 -2.77 -17.32
CA SER D 47 10.51 -4.03 -17.76
C SER D 47 9.65 -4.49 -18.93
N GLY D 48 9.75 -3.74 -20.03
CA GLY D 48 8.79 -3.81 -21.13
C GLY D 48 8.94 -4.95 -22.12
N ALA D 49 8.06 -5.95 -21.98
CA ALA D 49 7.94 -7.03 -22.94
C ALA D 49 6.66 -6.86 -23.76
N ALA D 50 5.98 -5.73 -23.57
CA ALA D 50 4.81 -5.38 -24.37
C ALA D 50 5.22 -4.51 -25.56
N PHE D 51 6.14 -5.05 -26.37
CA PHE D 51 6.66 -4.37 -27.56
C PHE D 51 6.72 -5.31 -28.77
#